data_7WJU
#
_entry.id   7WJU
#
loop_
_entity.id
_entity.type
_entity.pdbx_description
1 polymer 'OrfB_Zn_ribbon domain-containing protein'
2 polymer sgRNAv1
3 polymer 'Target strand'
4 polymer 'Non-target strand'
#
loop_
_entity_poly.entity_id
_entity_poly.type
_entity_poly.pdbx_seq_one_letter_code
_entity_poly.pdbx_strand_id
1 'polypeptide(L)'
;MIKVYRYEIVKPLDLDWKEFGTILRQLQQETRFALNKATQLAWEWMGFSSDYKDNHGEYPKSKDILGYTNVHGYAYHTIK
TKAYRLNSGNLSQTIKRATDRFKAYQKEILRGDMSIPSYKRDIPLDLIKENISVNRMNHGDYIASLSLLSNPAKQEMNVK
RKISVIIIVRGAGKTIMDRILSGEYQVSASQIIHDDRKNKWYLNISYDFEPQTRVLDLNKIMGIALGVAVAVYMAFQHTP
ARYKLEGGEIENFRRQVESRRISMLRQGKYAGGARGGHGRDKRIKPIEQLRDKIANFRDTTNHRYSRYIVDMAIKEGCGT
IQMEDLTNIRDIGSRFLQNWTYYDLQQKIIYKAEEAGIKVIKIDPQYTSQRCSECGNIDSGNRIGQAIFKCRACGYEANA
DYNAARNIAIPNIDKIIAESIK
;
A,B
2 'polyribonucleotide'
;AUUCGUCGGUUCAGCGACGAUAAGCCGAGAAGUGCCAAUAAAACUGUUAAGUGGUUUGGUAACGCUCGGUAAGGUAGCCA
AAAGGCUGAAACUCCGUGCACAAAGACCGCACGGACGCUUCACAUAUAGCUCAUAAACAAGGGUUUGCGAGCUAGCUUGU
GGAGUGUGAACCUGGCGUUUUUCCAUAGGCU
;
C
3 'polydeoxyribonucleotide'
;(DG)(DC)(DG)(DG)(DA)(DG)(DC)(DC)(DT)(DA)(DT)(DG)(DG)(DA)(DA)(DA)(DA)(DA)(DC)(DG)
(DC)(DC)(DA)(DG)(DC)(DA)(DA)(DC)(DG)(DC)
;
D
4 'polydeoxyribonucleotide' (DG)(DC)(DG)(DT)(DT)(DG) E
#
# COMPACT_ATOMS: atom_id res chain seq x y z
N MET A 1 -5.84 16.91 -18.69
CA MET A 1 -5.97 16.61 -17.27
C MET A 1 -7.33 16.02 -16.93
N ILE A 2 -7.45 15.49 -15.72
CA ILE A 2 -8.67 14.86 -15.25
C ILE A 2 -8.81 15.01 -13.74
N LYS A 3 -9.97 15.50 -13.29
CA LYS A 3 -10.24 15.68 -11.87
C LYS A 3 -11.56 15.02 -11.51
N VAL A 4 -11.90 15.07 -10.22
CA VAL A 4 -13.04 14.35 -9.66
C VAL A 4 -13.86 15.32 -8.83
N TYR A 5 -15.18 15.32 -9.03
CA TYR A 5 -16.10 16.02 -8.15
C TYR A 5 -17.24 15.10 -7.75
N ARG A 6 -17.70 15.20 -6.51
CA ARG A 6 -18.76 14.35 -6.00
C ARG A 6 -20.07 15.11 -5.85
N TYR A 7 -21.18 14.38 -6.03
CA TYR A 7 -22.52 14.93 -5.95
C TYR A 7 -23.38 14.02 -5.09
N GLU A 8 -24.15 14.60 -4.18
CA GLU A 8 -24.93 13.81 -3.25
C GLU A 8 -26.25 13.37 -3.90
N ILE A 9 -26.51 12.06 -3.87
CA ILE A 9 -27.76 11.51 -4.37
C ILE A 9 -28.86 11.76 -3.34
N VAL A 10 -29.88 12.52 -3.75
CA VAL A 10 -31.00 12.83 -2.85
C VAL A 10 -31.94 11.64 -2.74
N LYS A 11 -32.47 11.19 -3.87
CA LYS A 11 -33.47 10.14 -3.91
C LYS A 11 -33.50 9.54 -5.30
N PRO A 12 -33.86 8.27 -5.42
CA PRO A 12 -34.22 7.72 -6.74
C PRO A 12 -35.61 8.18 -7.14
N LEU A 13 -35.84 8.24 -8.45
CA LEU A 13 -37.07 8.84 -8.94
C LEU A 13 -38.23 7.86 -8.89
N ASP A 14 -38.11 6.71 -9.54
CA ASP A 14 -39.21 5.77 -9.64
C ASP A 14 -39.12 4.62 -8.64
N LEU A 15 -38.09 4.58 -7.82
CA LEU A 15 -37.96 3.56 -6.80
C LEU A 15 -38.15 4.17 -5.42
N ASP A 16 -38.25 3.31 -4.43
CA ASP A 16 -38.17 3.69 -3.04
C ASP A 16 -36.71 3.60 -2.59
N TRP A 17 -36.42 4.24 -1.46
CA TRP A 17 -35.05 4.21 -0.96
C TRP A 17 -34.65 2.83 -0.44
N LYS A 18 -35.59 2.03 0.02
CA LYS A 18 -35.25 0.72 0.59
C LYS A 18 -34.84 -0.26 -0.51
N GLU A 19 -35.62 -0.29 -1.60
CA GLU A 19 -35.25 -1.09 -2.78
C GLU A 19 -33.96 -0.58 -3.40
N PHE A 20 -33.77 0.74 -3.46
CA PHE A 20 -32.56 1.31 -4.05
C PHE A 20 -31.32 0.96 -3.25
N GLY A 21 -31.41 1.04 -1.92
CA GLY A 21 -30.33 0.59 -1.07
C GLY A 21 -30.03 -0.88 -1.13
N THR A 22 -31.05 -1.73 -1.21
CA THR A 22 -30.84 -3.17 -1.42
C THR A 22 -30.12 -3.45 -2.73
N ILE A 23 -30.51 -2.78 -3.81
CA ILE A 23 -29.87 -2.94 -5.11
C ILE A 23 -28.41 -2.49 -5.06
N LEU A 24 -28.14 -1.36 -4.39
CA LEU A 24 -26.77 -0.86 -4.30
C LEU A 24 -25.88 -1.79 -3.49
N ARG A 25 -26.41 -2.39 -2.40
CA ARG A 25 -25.61 -3.34 -1.63
C ARG A 25 -25.35 -4.63 -2.40
N GLN A 26 -26.33 -5.09 -3.17
CA GLN A 26 -26.13 -6.29 -3.99
C GLN A 26 -25.10 -6.07 -5.09
N LEU A 27 -25.12 -4.90 -5.73
CA LEU A 27 -24.12 -4.58 -6.73
C LEU A 27 -22.74 -4.36 -6.13
N GLN A 28 -22.65 -3.89 -4.88
CA GLN A 28 -21.38 -3.85 -4.17
C GLN A 28 -20.81 -5.24 -3.90
N GLN A 29 -21.66 -6.17 -3.47
CA GLN A 29 -21.23 -7.56 -3.28
C GLN A 29 -20.74 -8.19 -4.57
N GLU A 30 -21.43 -7.92 -5.69
CA GLU A 30 -20.99 -8.43 -6.98
C GLU A 30 -19.71 -7.79 -7.48
N THR A 31 -19.50 -6.50 -7.22
CA THR A 31 -18.25 -5.84 -7.60
C THR A 31 -17.06 -6.41 -6.83
N ARG A 32 -17.25 -6.66 -5.53
CA ARG A 32 -16.17 -7.23 -4.73
C ARG A 32 -15.86 -8.67 -5.16
N PHE A 33 -16.90 -9.46 -5.44
CA PHE A 33 -16.72 -10.79 -5.99
C PHE A 33 -15.93 -10.77 -7.30
N ALA A 34 -16.30 -9.87 -8.22
CA ALA A 34 -15.65 -9.81 -9.52
C ALA A 34 -14.20 -9.42 -9.42
N LEU A 35 -13.87 -8.47 -8.54
CA LEU A 35 -12.48 -8.08 -8.32
C LEU A 35 -11.64 -9.22 -7.77
N ASN A 36 -12.15 -9.90 -6.73
CA ASN A 36 -11.35 -10.95 -6.09
C ASN A 36 -11.22 -12.19 -6.96
N LYS A 37 -12.26 -12.54 -7.71
CA LYS A 37 -12.16 -13.68 -8.60
C LYS A 37 -11.33 -13.39 -9.83
N ALA A 38 -11.34 -12.15 -10.34
CA ALA A 38 -10.44 -11.82 -11.45
C ALA A 38 -8.98 -11.86 -11.01
N THR A 39 -8.70 -11.45 -9.77
CA THR A 39 -7.36 -11.60 -9.21
C THR A 39 -6.95 -13.07 -9.09
N GLN A 40 -7.87 -13.92 -8.61
CA GLN A 40 -7.58 -15.36 -8.50
C GLN A 40 -7.34 -16.02 -9.86
N LEU A 41 -8.13 -15.66 -10.88
CA LEU A 41 -7.95 -16.24 -12.19
C LEU A 41 -6.68 -15.75 -12.87
N ALA A 42 -6.27 -14.51 -12.64
CA ALA A 42 -4.98 -14.04 -13.15
C ALA A 42 -3.80 -14.71 -12.48
N TRP A 43 -3.87 -14.95 -11.16
CA TRP A 43 -2.82 -15.70 -10.47
C TRP A 43 -2.74 -17.14 -10.95
N GLU A 44 -3.90 -17.77 -11.17
CA GLU A 44 -3.91 -19.14 -11.65
C GLU A 44 -3.36 -19.25 -13.06
N TRP A 45 -3.63 -18.25 -13.91
CA TRP A 45 -3.02 -18.24 -15.24
C TRP A 45 -1.51 -18.03 -15.19
N MET A 46 -1.03 -17.21 -14.24
CA MET A 46 0.40 -17.04 -14.04
C MET A 46 1.08 -18.36 -13.67
N GLY A 47 0.52 -19.08 -12.70
CA GLY A 47 1.05 -20.38 -12.33
C GLY A 47 0.98 -21.41 -13.44
N PHE A 48 -0.12 -21.44 -14.19
CA PHE A 48 -0.25 -22.37 -15.31
C PHE A 48 0.78 -22.06 -16.39
N SER A 49 1.04 -20.78 -16.66
CA SER A 49 2.01 -20.42 -17.69
C SER A 49 3.43 -20.77 -17.28
N SER A 50 3.76 -20.60 -15.99
CA SER A 50 5.07 -21.04 -15.50
C SER A 50 5.24 -22.55 -15.63
N ASP A 51 4.22 -23.31 -15.22
CA ASP A 51 4.29 -24.77 -15.34
C ASP A 51 4.28 -25.23 -16.80
N TYR A 52 3.64 -24.48 -17.69
CA TYR A 52 3.63 -24.83 -19.11
C TYR A 52 5.01 -24.60 -19.73
N LYS A 53 5.66 -23.48 -19.39
CA LYS A 53 7.01 -23.25 -19.88
C LYS A 53 8.01 -24.25 -19.29
N ASP A 54 7.75 -24.74 -18.07
CA ASP A 54 8.57 -25.81 -17.52
C ASP A 54 8.38 -27.12 -18.28
N ASN A 55 7.13 -27.52 -18.51
CA ASN A 55 6.88 -28.85 -19.07
C ASN A 55 7.04 -28.90 -20.59
N HIS A 56 6.91 -27.78 -21.30
CA HIS A 56 6.92 -27.80 -22.75
C HIS A 56 8.14 -27.10 -23.34
N GLY A 57 8.37 -25.84 -22.99
CA GLY A 57 9.52 -25.12 -23.52
C GLY A 57 9.24 -23.67 -23.84
N GLU A 58 7.96 -23.33 -24.06
CA GLU A 58 7.55 -21.97 -24.35
C GLU A 58 6.32 -21.63 -23.54
N TYR A 59 6.05 -20.33 -23.43
CA TYR A 59 4.82 -19.85 -22.80
C TYR A 59 3.61 -20.24 -23.63
N PRO A 60 2.49 -20.60 -23.00
CA PRO A 60 1.29 -20.95 -23.76
C PRO A 60 0.61 -19.72 -24.32
N LYS A 61 -0.06 -19.92 -25.45
CA LYS A 61 -0.89 -18.87 -26.02
C LYS A 61 -2.22 -18.86 -25.29
N SER A 62 -2.65 -17.67 -24.87
CA SER A 62 -3.91 -17.53 -24.14
C SER A 62 -5.09 -17.85 -25.04
N LYS A 63 -4.99 -17.51 -26.33
CA LYS A 63 -6.06 -17.77 -27.28
C LYS A 63 -6.27 -19.26 -27.54
N ASP A 64 -5.24 -20.08 -27.39
CA ASP A 64 -5.41 -21.52 -27.58
C ASP A 64 -5.89 -22.22 -26.32
N ILE A 65 -5.36 -21.84 -25.16
CA ILE A 65 -5.73 -22.49 -23.91
C ILE A 65 -7.06 -21.96 -23.40
N LEU A 66 -7.18 -20.65 -23.26
CA LEU A 66 -8.38 -20.05 -22.68
C LEU A 66 -9.46 -19.79 -23.73
N GLY A 67 -9.06 -19.42 -24.93
CA GLY A 67 -9.98 -19.00 -25.96
C GLY A 67 -10.07 -17.52 -26.13
N TYR A 68 -9.13 -16.77 -25.59
CA TYR A 68 -9.23 -15.32 -25.46
C TYR A 68 -7.85 -14.71 -25.58
N THR A 69 -7.77 -13.52 -26.17
CA THR A 69 -6.51 -12.82 -26.27
C THR A 69 -6.00 -12.37 -24.90
N ASN A 70 -6.91 -11.91 -24.05
CA ASN A 70 -6.56 -11.46 -22.71
C ASN A 70 -7.16 -12.40 -21.68
N VAL A 71 -6.58 -12.40 -20.47
CA VAL A 71 -7.17 -13.13 -19.36
C VAL A 71 -8.38 -12.38 -18.81
N HIS A 72 -8.53 -11.10 -19.15
CA HIS A 72 -9.74 -10.35 -18.84
C HIS A 72 -10.96 -10.93 -19.57
N GLY A 73 -10.77 -11.34 -20.83
CA GLY A 73 -11.87 -11.93 -21.58
C GLY A 73 -12.31 -13.28 -21.05
N TYR A 74 -11.38 -14.04 -20.47
CA TYR A 74 -11.72 -15.30 -19.83
C TYR A 74 -12.37 -15.06 -18.47
N ALA A 75 -11.86 -14.08 -17.72
CA ALA A 75 -12.43 -13.75 -16.42
C ALA A 75 -13.83 -13.19 -16.53
N TYR A 76 -14.14 -12.46 -17.61
CA TYR A 76 -15.52 -12.03 -17.83
C TYR A 76 -16.44 -13.22 -18.05
N HIS A 77 -16.03 -14.15 -18.92
CA HIS A 77 -16.81 -15.34 -19.24
C HIS A 77 -17.03 -16.22 -18.01
N THR A 78 -16.08 -16.24 -17.08
CA THR A 78 -16.25 -16.98 -15.85
C THR A 78 -17.12 -16.24 -14.83
N ILE A 79 -16.77 -14.99 -14.51
CA ILE A 79 -17.41 -14.23 -13.43
C ILE A 79 -18.85 -13.83 -13.78
N LYS A 80 -19.19 -13.76 -15.08
CA LYS A 80 -20.49 -13.30 -15.56
C LYS A 80 -21.67 -14.14 -15.05
N THR A 81 -21.43 -15.41 -14.73
CA THR A 81 -22.50 -16.27 -14.23
C THR A 81 -22.92 -15.92 -12.81
N LYS A 82 -21.97 -15.64 -11.92
CA LYS A 82 -22.29 -15.27 -10.55
C LYS A 82 -22.40 -13.77 -10.36
N ALA A 83 -22.07 -12.97 -11.36
CA ALA A 83 -22.19 -11.53 -11.28
C ALA A 83 -23.15 -11.05 -12.38
N TYR A 84 -24.30 -11.72 -12.47
CA TYR A 84 -25.27 -11.46 -13.52
C TYR A 84 -26.09 -10.19 -13.30
N ARG A 85 -26.06 -9.61 -12.10
CA ARG A 85 -26.85 -8.42 -11.83
C ARG A 85 -26.17 -7.13 -12.23
N LEU A 86 -24.85 -7.13 -12.35
CA LEU A 86 -24.14 -5.94 -12.79
C LEU A 86 -24.41 -5.69 -14.27
N ASN A 87 -24.41 -4.41 -14.64
CA ASN A 87 -24.39 -4.04 -16.04
C ASN A 87 -23.07 -4.49 -16.65
N SER A 88 -23.14 -5.06 -17.85
CA SER A 88 -22.01 -5.80 -18.41
C SER A 88 -20.83 -4.91 -18.78
N GLY A 89 -21.08 -3.65 -19.15
CA GLY A 89 -19.98 -2.72 -19.33
C GLY A 89 -19.30 -2.34 -18.04
N ASN A 90 -20.08 -2.18 -16.96
CA ASN A 90 -19.51 -1.87 -15.65
C ASN A 90 -18.74 -3.07 -15.10
N LEU A 91 -19.26 -4.29 -15.31
CA LEU A 91 -18.55 -5.51 -14.95
C LEU A 91 -17.25 -5.65 -15.73
N SER A 92 -17.29 -5.32 -17.03
CA SER A 92 -16.10 -5.40 -17.87
C SER A 92 -15.03 -4.40 -17.40
N GLN A 93 -15.43 -3.19 -17.02
CA GLN A 93 -14.49 -2.21 -16.47
C GLN A 93 -13.92 -2.63 -15.12
N THR A 94 -14.73 -3.25 -14.26
CA THR A 94 -14.27 -3.75 -12.97
C THR A 94 -13.21 -4.85 -13.13
N ILE A 95 -13.49 -5.83 -13.99
CA ILE A 95 -12.54 -6.91 -14.25
C ILE A 95 -11.29 -6.36 -14.93
N LYS A 96 -11.44 -5.34 -15.78
CA LYS A 96 -10.30 -4.66 -16.40
C LYS A 96 -9.39 -4.03 -15.37
N ARG A 97 -9.96 -3.38 -14.35
CA ARG A 97 -9.15 -2.81 -13.26
C ARG A 97 -8.40 -3.88 -12.49
N ALA A 98 -9.07 -4.99 -12.15
CA ALA A 98 -8.42 -6.06 -11.39
C ALA A 98 -7.27 -6.73 -12.17
N THR A 99 -7.54 -7.11 -13.42
CA THR A 99 -6.50 -7.75 -14.22
C THR A 99 -5.38 -6.79 -14.62
N ASP A 100 -5.66 -5.49 -14.75
CA ASP A 100 -4.60 -4.53 -15.03
C ASP A 100 -3.70 -4.29 -13.83
N ARG A 101 -4.26 -4.25 -12.61
CA ARG A 101 -3.41 -4.16 -11.43
C ARG A 101 -2.57 -5.43 -11.24
N PHE A 102 -3.12 -6.61 -11.55
CA PHE A 102 -2.29 -7.81 -11.45
C PHE A 102 -1.22 -7.85 -12.54
N LYS A 103 -1.53 -7.37 -13.75
CA LYS A 103 -0.58 -7.43 -14.85
C LYS A 103 0.55 -6.43 -14.68
N ALA A 104 0.25 -5.23 -14.15
CA ALA A 104 1.28 -4.21 -13.99
C ALA A 104 2.28 -4.52 -12.90
N TYR A 105 1.93 -5.38 -11.95
CA TYR A 105 2.74 -5.65 -10.78
C TYR A 105 3.19 -7.09 -10.69
N GLN A 106 3.29 -7.79 -11.82
CA GLN A 106 3.50 -9.23 -11.79
C GLN A 106 4.93 -9.60 -11.40
N LYS A 107 5.91 -8.76 -11.75
CA LYS A 107 7.29 -9.04 -11.34
C LYS A 107 7.49 -8.76 -9.85
N GLU A 108 6.83 -7.73 -9.32
CA GLU A 108 6.88 -7.47 -7.88
C GLU A 108 6.16 -8.55 -7.09
N ILE A 109 5.12 -9.15 -7.66
CA ILE A 109 4.40 -10.22 -6.99
C ILE A 109 5.20 -11.52 -7.04
N LEU A 110 5.84 -11.80 -8.18
CA LEU A 110 6.68 -12.99 -8.30
C LEU A 110 7.95 -12.89 -7.45
N ARG A 111 8.48 -11.68 -7.27
CA ARG A 111 9.67 -11.50 -6.45
C ARG A 111 9.37 -11.54 -4.96
N GLY A 112 8.12 -11.35 -4.56
CA GLY A 112 7.77 -11.33 -3.16
C GLY A 112 7.80 -9.96 -2.51
N ASP A 113 7.98 -8.91 -3.29
CA ASP A 113 8.00 -7.56 -2.76
C ASP A 113 6.61 -6.97 -2.57
N MET A 114 5.61 -7.55 -3.22
CA MET A 114 4.23 -7.09 -3.15
C MET A 114 3.32 -8.29 -2.94
N SER A 115 2.28 -8.11 -2.15
CA SER A 115 1.26 -9.12 -1.98
C SER A 115 0.33 -9.14 -3.19
N ILE A 116 -0.40 -10.24 -3.31
CA ILE A 116 -1.50 -10.30 -4.27
C ILE A 116 -2.67 -9.48 -3.72
N PRO A 117 -3.21 -8.53 -4.48
CA PRO A 117 -4.17 -7.56 -3.93
C PRO A 117 -5.52 -8.17 -3.62
N SER A 118 -5.96 -8.03 -2.38
CA SER A 118 -7.30 -8.39 -1.95
C SER A 118 -8.17 -7.13 -1.89
N TYR A 119 -9.46 -7.31 -2.11
CA TYR A 119 -10.40 -6.20 -2.21
C TYR A 119 -11.43 -6.26 -1.10
N LYS A 120 -11.87 -5.10 -0.65
CA LYS A 120 -12.62 -4.93 0.59
C LYS A 120 -14.12 -4.92 0.36
N ARG A 121 -14.87 -4.84 1.46
CA ARG A 121 -16.32 -5.03 1.43
C ARG A 121 -17.04 -3.82 0.87
N ASP A 122 -16.83 -2.64 1.45
CA ASP A 122 -17.50 -1.42 1.01
C ASP A 122 -16.72 -0.85 -0.18
N ILE A 123 -16.99 -1.41 -1.35
CA ILE A 123 -16.24 -1.13 -2.57
C ILE A 123 -17.07 -0.16 -3.40
N PRO A 124 -16.46 0.77 -4.13
CA PRO A 124 -17.23 1.64 -5.03
C PRO A 124 -17.80 0.87 -6.21
N LEU A 125 -18.82 1.45 -6.83
CA LEU A 125 -19.47 0.89 -8.00
C LEU A 125 -18.97 1.61 -9.24
N ASP A 126 -18.42 0.85 -10.18
CA ASP A 126 -17.89 1.41 -11.41
C ASP A 126 -19.02 1.77 -12.38
N LEU A 127 -18.78 2.81 -13.17
CA LEU A 127 -19.72 3.24 -14.20
C LEU A 127 -18.93 3.73 -15.40
N ILE A 128 -19.03 3.04 -16.53
CA ILE A 128 -18.38 3.54 -17.73
C ILE A 128 -19.12 4.78 -18.24
N LYS A 129 -18.41 5.58 -19.04
CA LYS A 129 -18.86 6.93 -19.43
C LYS A 129 -20.10 6.92 -20.30
N GLU A 130 -20.47 5.79 -20.89
CA GLU A 130 -21.71 5.67 -21.64
C GLU A 130 -22.91 5.44 -20.75
N ASN A 131 -22.69 5.10 -19.48
CA ASN A 131 -23.75 4.81 -18.54
C ASN A 131 -24.08 5.97 -17.61
N ILE A 132 -23.60 7.17 -17.92
CA ILE A 132 -23.90 8.39 -17.17
C ILE A 132 -24.64 9.34 -18.10
N SER A 133 -25.74 9.91 -17.61
CA SER A 133 -26.35 11.02 -18.34
C SER A 133 -26.98 11.97 -17.33
N VAL A 134 -26.57 13.23 -17.36
CA VAL A 134 -27.14 14.23 -16.46
C VAL A 134 -27.98 15.20 -17.29
N ASN A 135 -29.09 15.65 -16.70
CA ASN A 135 -29.98 16.61 -17.34
C ASN A 135 -30.46 17.60 -16.30
N ARG A 136 -30.46 18.89 -16.65
CA ARG A 136 -31.05 19.90 -15.79
C ARG A 136 -32.50 20.14 -16.22
N MET A 137 -33.39 20.14 -15.24
CA MET A 137 -34.81 20.40 -15.49
C MET A 137 -35.10 21.89 -15.45
N ASN A 138 -36.30 22.26 -15.89
CA ASN A 138 -36.68 23.67 -15.94
C ASN A 138 -36.88 24.28 -14.57
N HIS A 139 -37.28 23.49 -13.58
CA HIS A 139 -37.49 23.99 -12.23
C HIS A 139 -36.23 23.89 -11.36
N GLY A 140 -35.10 23.51 -11.93
CA GLY A 140 -33.83 23.59 -11.23
C GLY A 140 -33.30 22.31 -10.64
N ASP A 141 -33.87 21.16 -10.98
CA ASP A 141 -33.36 19.87 -10.52
C ASP A 141 -32.37 19.31 -11.52
N TYR A 142 -31.48 18.45 -11.03
CA TYR A 142 -30.52 17.74 -11.86
C TYR A 142 -30.74 16.25 -11.70
N ILE A 143 -31.06 15.59 -12.81
CA ILE A 143 -31.34 14.16 -12.85
C ILE A 143 -30.14 13.46 -13.45
N ALA A 144 -29.60 12.48 -12.74
CA ALA A 144 -28.58 11.60 -13.27
C ALA A 144 -29.20 10.24 -13.55
N SER A 145 -29.17 9.81 -14.81
CA SER A 145 -29.67 8.51 -15.23
C SER A 145 -28.48 7.60 -15.46
N LEU A 146 -28.51 6.45 -14.81
CA LEU A 146 -27.39 5.53 -14.66
C LEU A 146 -27.82 4.14 -15.07
N SER A 147 -27.05 3.53 -15.96
CA SER A 147 -27.20 2.11 -16.26
C SER A 147 -26.43 1.32 -15.22
N LEU A 148 -27.15 0.67 -14.33
CA LEU A 148 -26.55 -0.07 -13.23
C LEU A 148 -26.85 -1.56 -13.27
N LEU A 149 -27.95 -1.96 -13.88
CA LEU A 149 -28.43 -3.34 -13.87
C LEU A 149 -28.31 -3.95 -15.25
N SER A 150 -28.24 -5.28 -15.28
CA SER A 150 -28.28 -6.00 -16.53
C SER A 150 -29.73 -6.21 -16.97
N ASN A 151 -29.88 -6.81 -18.14
CA ASN A 151 -31.22 -7.15 -18.63
C ASN A 151 -31.95 -8.21 -17.79
N PRO A 152 -31.31 -9.27 -17.24
CA PRO A 152 -32.04 -10.09 -16.27
C PRO A 152 -32.37 -9.39 -14.96
N ALA A 153 -31.49 -8.50 -14.48
CA ALA A 153 -31.73 -7.85 -13.20
C ALA A 153 -32.86 -6.82 -13.29
N LYS A 154 -32.99 -6.16 -14.45
CA LYS A 154 -34.11 -5.24 -14.65
C LYS A 154 -35.44 -5.97 -14.70
N GLN A 155 -35.47 -7.20 -15.21
CA GLN A 155 -36.71 -7.97 -15.19
C GLN A 155 -37.01 -8.54 -13.82
N GLU A 156 -35.99 -9.00 -13.09
CA GLU A 156 -36.24 -9.54 -11.77
C GLU A 156 -36.48 -8.47 -10.71
N MET A 157 -36.15 -7.21 -11.01
CA MET A 157 -36.41 -6.11 -10.08
C MET A 157 -37.49 -5.15 -10.55
N ASN A 158 -38.07 -5.42 -11.72
CA ASN A 158 -39.14 -4.61 -12.34
C ASN A 158 -38.68 -3.16 -12.56
N VAL A 159 -37.58 -3.03 -13.29
CA VAL A 159 -37.07 -1.75 -13.78
C VAL A 159 -37.13 -1.80 -15.30
N LYS A 160 -37.59 -0.72 -15.92
CA LYS A 160 -37.81 -0.70 -17.36
C LYS A 160 -36.72 0.04 -18.13
N ARG A 161 -36.04 0.99 -17.52
CA ARG A 161 -35.09 1.86 -18.21
C ARG A 161 -33.90 2.05 -17.27
N LYS A 162 -33.09 3.09 -17.54
CA LYS A 162 -32.02 3.47 -16.64
C LYS A 162 -32.58 3.93 -15.30
N ILE A 163 -31.77 3.84 -14.25
CA ILE A 163 -32.16 4.29 -12.92
C ILE A 163 -31.85 5.78 -12.83
N SER A 164 -32.87 6.58 -12.53
CA SER A 164 -32.70 8.02 -12.44
C SER A 164 -32.71 8.45 -10.98
N VAL A 165 -31.70 9.20 -10.58
CA VAL A 165 -31.62 9.77 -9.25
C VAL A 165 -31.54 11.28 -9.36
N ILE A 166 -31.85 11.96 -8.27
CA ILE A 166 -31.72 13.41 -8.18
C ILE A 166 -30.43 13.72 -7.44
N ILE A 167 -29.60 14.59 -8.01
CA ILE A 167 -28.35 14.98 -7.37
C ILE A 167 -28.42 16.45 -6.97
N ILE A 168 -27.67 16.79 -5.92
CA ILE A 168 -27.52 18.19 -5.53
C ILE A 168 -26.32 18.76 -6.27
N VAL A 169 -26.55 19.85 -7.00
CA VAL A 169 -25.53 20.48 -7.82
C VAL A 169 -25.43 21.93 -7.34
N ARG A 170 -24.48 22.18 -6.43
CA ARG A 170 -24.36 23.49 -5.79
C ARG A 170 -22.90 23.86 -5.66
N GLY A 171 -22.63 25.16 -5.67
CA GLY A 171 -21.28 25.64 -5.43
C GLY A 171 -20.39 25.50 -6.63
N ALA A 172 -19.19 24.94 -6.41
CA ALA A 172 -18.29 24.64 -7.51
C ALA A 172 -18.82 23.50 -8.38
N GLY A 173 -19.62 22.60 -7.81
CA GLY A 173 -20.27 21.57 -8.58
C GLY A 173 -21.25 22.10 -9.60
N LYS A 174 -21.86 23.26 -9.34
CA LYS A 174 -22.66 23.94 -10.35
C LYS A 174 -21.81 24.33 -11.56
N THR A 175 -20.59 24.83 -11.32
CA THR A 175 -19.70 25.22 -12.39
C THR A 175 -19.20 24.02 -13.18
N ILE A 176 -18.83 22.94 -12.46
CA ILE A 176 -18.40 21.71 -13.12
C ILE A 176 -19.52 21.12 -13.96
N MET A 177 -20.73 21.01 -13.39
CA MET A 177 -21.84 20.39 -14.11
C MET A 177 -22.30 21.22 -15.29
N ASP A 178 -22.25 22.55 -15.17
CA ASP A 178 -22.60 23.38 -16.32
C ASP A 178 -21.56 23.27 -17.42
N ARG A 179 -20.29 23.07 -17.09
CA ARG A 179 -19.29 22.82 -18.12
C ARG A 179 -19.35 21.39 -18.68
N ILE A 180 -19.88 20.44 -17.90
CA ILE A 180 -20.17 19.10 -18.43
C ILE A 180 -21.28 19.17 -19.47
N LEU A 181 -22.39 19.84 -19.13
CA LEU A 181 -23.59 19.83 -19.97
C LEU A 181 -23.43 20.63 -21.24
N SER A 182 -22.51 21.58 -21.30
CA SER A 182 -22.27 22.36 -22.50
C SER A 182 -21.19 21.75 -23.40
N GLY A 183 -20.57 20.65 -22.99
CA GLY A 183 -19.59 19.97 -23.80
C GLY A 183 -18.16 20.40 -23.56
N GLU A 184 -17.94 21.43 -22.73
CA GLU A 184 -16.59 21.92 -22.49
C GLU A 184 -15.76 20.90 -21.72
N TYR A 185 -16.37 20.23 -20.75
CA TYR A 185 -15.74 19.14 -20.03
C TYR A 185 -16.32 17.82 -20.52
N GLN A 186 -15.53 16.76 -20.38
CA GLN A 186 -15.93 15.43 -20.85
C GLN A 186 -15.90 14.45 -19.70
N VAL A 187 -16.97 13.68 -19.53
CA VAL A 187 -17.08 12.71 -18.45
C VAL A 187 -16.20 11.50 -18.74
N SER A 188 -15.49 11.04 -17.72
CA SER A 188 -14.71 9.80 -17.76
C SER A 188 -15.49 8.70 -17.03
N ALA A 189 -14.84 7.58 -16.79
CA ALA A 189 -15.45 6.51 -16.01
C ALA A 189 -15.53 6.91 -14.55
N SER A 190 -16.71 6.73 -13.95
CA SER A 190 -17.05 7.33 -12.67
C SER A 190 -17.47 6.30 -11.62
N GLN A 191 -17.90 6.76 -10.45
CA GLN A 191 -18.16 5.86 -9.33
C GLN A 191 -19.47 6.22 -8.66
N ILE A 192 -20.03 5.22 -7.97
CA ILE A 192 -20.98 5.41 -6.88
C ILE A 192 -20.26 5.02 -5.61
N ILE A 193 -20.17 5.95 -4.66
CA ILE A 193 -19.52 5.68 -3.39
C ILE A 193 -20.50 5.97 -2.26
N HIS A 194 -20.14 5.54 -1.06
CA HIS A 194 -20.99 5.63 0.10
C HIS A 194 -20.19 6.23 1.26
N ASP A 195 -20.87 7.02 2.08
CA ASP A 195 -20.27 7.69 3.22
C ASP A 195 -20.98 7.22 4.49
N ASP A 196 -20.23 6.53 5.36
CA ASP A 196 -20.81 5.90 6.54
C ASP A 196 -21.13 6.91 7.64
N ARG A 197 -20.36 8.00 7.71
CA ARG A 197 -20.54 8.98 8.79
C ARG A 197 -21.86 9.71 8.67
N LYS A 198 -22.17 10.22 7.47
CA LYS A 198 -23.42 10.91 7.24
C LYS A 198 -24.47 10.03 6.59
N ASN A 199 -24.12 8.79 6.23
CA ASN A 199 -24.99 7.82 5.54
C ASN A 199 -25.49 8.40 4.22
N LYS A 200 -24.56 8.77 3.34
CA LYS A 200 -24.88 9.46 2.11
C LYS A 200 -24.26 8.76 0.92
N TRP A 201 -25.01 8.64 -0.16
CA TRP A 201 -24.49 8.10 -1.40
C TRP A 201 -24.06 9.24 -2.32
N TYR A 202 -22.99 9.01 -3.08
CA TYR A 202 -22.41 10.04 -3.92
C TYR A 202 -22.13 9.49 -5.30
N LEU A 203 -22.44 10.29 -6.31
CA LEU A 203 -21.94 10.11 -7.66
C LEU A 203 -20.61 10.84 -7.76
N ASN A 204 -19.52 10.08 -7.91
CA ASN A 204 -18.16 10.59 -7.94
C ASN A 204 -17.76 10.65 -9.42
N ILE A 205 -17.88 11.83 -10.02
CA ILE A 205 -17.70 12.02 -11.45
C ILE A 205 -16.26 12.41 -11.73
N SER A 206 -15.61 11.65 -12.61
CA SER A 206 -14.30 11.96 -13.14
C SER A 206 -14.49 12.66 -14.48
N TYR A 207 -13.89 13.83 -14.64
CA TYR A 207 -14.06 14.62 -15.85
C TYR A 207 -12.70 15.02 -16.41
N ASP A 208 -12.61 14.94 -17.74
CA ASP A 208 -11.48 15.44 -18.52
C ASP A 208 -11.66 16.93 -18.76
N PHE A 209 -10.60 17.69 -18.58
CA PHE A 209 -10.67 19.13 -18.81
C PHE A 209 -9.33 19.64 -19.30
N GLU A 210 -9.39 20.70 -20.10
CA GLU A 210 -8.19 21.34 -20.61
C GLU A 210 -7.92 22.59 -19.79
N PRO A 211 -6.79 22.71 -19.11
CA PRO A 211 -6.58 23.83 -18.20
C PRO A 211 -6.24 25.12 -18.95
N GLN A 212 -6.27 26.22 -18.20
CA GLN A 212 -6.08 27.54 -18.78
C GLN A 212 -4.61 27.80 -19.08
N THR A 213 -4.34 28.20 -20.32
CA THR A 213 -2.97 28.44 -20.76
C THR A 213 -2.54 29.84 -20.35
N ARG A 214 -1.46 29.93 -19.58
CA ARG A 214 -0.89 31.19 -19.13
C ARG A 214 0.44 31.41 -19.82
N VAL A 215 1.06 32.55 -19.51
CA VAL A 215 2.45 32.83 -19.88
C VAL A 215 3.26 32.97 -18.59
N LEU A 216 4.18 32.03 -18.37
CA LEU A 216 4.99 31.99 -17.18
C LEU A 216 6.44 31.79 -17.59
N ASP A 217 7.33 32.60 -17.03
CA ASP A 217 8.74 32.52 -17.36
C ASP A 217 9.37 31.32 -16.67
N LEU A 218 9.92 30.40 -17.46
CA LEU A 218 10.49 29.16 -16.92
C LEU A 218 11.76 29.40 -16.13
N ASN A 219 12.44 30.53 -16.34
CA ASN A 219 13.68 30.84 -15.65
C ASN A 219 13.46 31.40 -14.24
N LYS A 220 12.26 31.86 -13.92
CA LYS A 220 11.94 32.30 -12.57
C LYS A 220 11.53 31.11 -11.72
N ILE A 221 12.16 30.95 -10.57
CA ILE A 221 11.96 29.79 -9.71
C ILE A 221 11.57 30.27 -8.31
N MET A 222 10.55 29.65 -7.73
CA MET A 222 10.17 29.87 -6.34
C MET A 222 10.64 28.70 -5.50
N GLY A 223 11.25 28.98 -4.35
CA GLY A 223 11.73 27.96 -3.44
C GLY A 223 10.86 27.90 -2.20
N ILE A 224 10.54 26.67 -1.79
CA ILE A 224 9.64 26.39 -0.68
C ILE A 224 10.42 25.59 0.37
N ALA A 225 10.42 26.06 1.61
CA ALA A 225 11.07 25.37 2.71
C ALA A 225 10.07 25.09 3.82
N LEU A 226 10.10 23.87 4.33
CA LEU A 226 9.33 23.49 5.50
C LEU A 226 10.06 24.01 6.73
N GLY A 227 9.61 25.13 7.27
CA GLY A 227 10.32 25.78 8.34
C GLY A 227 10.16 25.07 9.68
N VAL A 228 10.97 25.50 10.64
CA VAL A 228 10.86 25.00 12.00
C VAL A 228 10.16 25.98 12.94
N ALA A 229 10.05 27.25 12.55
CA ALA A 229 9.31 28.25 13.33
C ALA A 229 8.00 28.67 12.68
N VAL A 230 7.93 28.70 11.35
CA VAL A 230 6.68 28.78 10.62
C VAL A 230 6.52 27.49 9.84
N ALA A 231 5.34 27.28 9.26
CA ALA A 231 5.08 25.99 8.63
C ALA A 231 5.71 25.90 7.24
N VAL A 232 5.47 26.89 6.39
CA VAL A 232 6.00 26.93 5.03
C VAL A 232 6.57 28.32 4.79
N TYR A 233 7.76 28.41 4.19
CA TYR A 233 8.31 29.70 3.81
C TYR A 233 8.64 29.65 2.32
N MET A 234 8.31 30.72 1.59
CA MET A 234 8.53 30.79 0.15
C MET A 234 9.35 32.01 -0.20
N ALA A 235 10.35 31.81 -1.05
CA ALA A 235 11.29 32.86 -1.41
C ALA A 235 11.64 32.78 -2.89
N PHE A 236 12.27 33.85 -3.37
CA PHE A 236 12.63 34.02 -4.77
C PHE A 236 14.05 34.54 -4.86
N GLN A 237 14.71 34.26 -5.98
CA GLN A 237 16.04 34.83 -6.22
C GLN A 237 15.95 36.22 -6.84
N HIS A 238 15.07 36.39 -7.82
CA HIS A 238 14.99 37.59 -8.64
C HIS A 238 14.18 38.70 -8.01
N THR A 239 13.68 38.52 -6.79
CA THR A 239 12.79 39.50 -6.17
C THR A 239 12.84 39.28 -4.67
N PRO A 240 12.95 40.33 -3.85
CA PRO A 240 13.02 40.14 -2.40
C PRO A 240 11.68 39.85 -1.73
N ALA A 241 10.63 39.54 -2.48
CA ALA A 241 9.34 39.18 -1.88
C ALA A 241 9.45 37.84 -1.18
N ARG A 242 8.75 37.72 -0.05
CA ARG A 242 8.79 36.53 0.76
C ARG A 242 7.40 36.25 1.29
N TYR A 243 6.96 35.01 1.20
CA TYR A 243 5.64 34.63 1.68
C TYR A 243 5.79 33.54 2.71
N LYS A 244 4.85 33.46 3.65
CA LYS A 244 4.94 32.43 4.67
C LYS A 244 3.56 31.97 5.07
N LEU A 245 3.52 30.75 5.59
CA LEU A 245 2.38 30.18 6.28
C LEU A 245 2.85 29.72 7.63
N GLU A 246 2.27 30.26 8.68
CA GLU A 246 2.49 29.76 10.03
C GLU A 246 1.24 29.03 10.49
N GLY A 247 1.43 28.01 11.31
CA GLY A 247 0.29 27.29 11.82
C GLY A 247 -0.17 27.81 13.15
N GLY A 248 -1.14 28.71 13.14
CA GLY A 248 -1.83 29.09 14.35
C GLY A 248 -2.97 28.11 14.55
N GLU A 249 -3.69 27.84 13.47
CA GLU A 249 -4.73 26.83 13.48
C GLU A 249 -4.16 25.43 13.66
N ILE A 250 -2.95 25.17 13.18
CA ILE A 250 -2.31 23.88 13.38
C ILE A 250 -1.97 23.68 14.85
N GLU A 251 -1.36 24.70 15.48
CA GLU A 251 -1.02 24.62 16.88
C GLU A 251 -2.26 24.56 17.77
N ASN A 252 -3.34 25.23 17.36
CA ASN A 252 -4.59 25.16 18.12
C ASN A 252 -5.24 23.78 18.04
N PHE A 253 -5.36 23.24 16.82
CA PHE A 253 -5.96 21.92 16.63
C PHE A 253 -5.10 20.83 17.26
N ARG A 254 -3.78 21.02 17.33
CA ARG A 254 -2.90 19.96 17.81
C ARG A 254 -3.04 19.72 19.31
N ARG A 255 -3.42 20.73 20.09
CA ARG A 255 -3.68 20.48 21.49
C ARG A 255 -5.15 20.51 21.86
N GLN A 256 -6.03 20.94 20.94
CA GLN A 256 -7.46 20.71 21.20
C GLN A 256 -7.87 19.27 20.96
N VAL A 257 -7.06 18.49 20.24
CA VAL A 257 -7.27 17.04 20.16
C VAL A 257 -6.31 16.28 21.05
N GLU A 258 -5.41 16.97 21.75
CA GLU A 258 -4.61 16.38 22.79
C GLU A 258 -5.20 16.62 24.17
N SER A 259 -5.93 17.72 24.37
CA SER A 259 -6.71 17.90 25.58
C SER A 259 -7.98 17.06 25.59
N ARG A 260 -8.41 16.56 24.43
CA ARG A 260 -9.57 15.68 24.35
C ARG A 260 -9.19 14.21 24.48
N ARG A 261 -7.98 13.82 24.11
CA ARG A 261 -7.54 12.44 24.27
C ARG A 261 -6.80 12.25 25.59
N ILE A 262 -7.42 12.69 26.69
CA ILE A 262 -6.85 12.48 28.02
C ILE A 262 -7.62 11.44 28.82
N SER A 263 -8.90 11.25 28.57
CA SER A 263 -9.72 10.28 29.29
C SER A 263 -9.91 8.99 28.50
N MET A 264 -10.24 9.11 27.22
CA MET A 264 -10.52 8.00 26.29
C MET A 264 -11.57 7.02 26.82
N GLY A 276 -19.48 -3.16 25.20
CA GLY A 276 -18.65 -4.22 25.76
C GLY A 276 -19.31 -5.58 25.73
N GLY A 277 -18.77 -6.47 24.89
CA GLY A 277 -19.35 -7.78 24.70
C GLY A 277 -20.17 -7.96 23.45
N HIS A 278 -20.14 -6.98 22.53
CA HIS A 278 -20.92 -7.05 21.30
C HIS A 278 -20.04 -6.98 20.05
N GLY A 279 -18.78 -7.36 20.15
CA GLY A 279 -17.90 -7.46 19.00
C GLY A 279 -16.79 -6.40 19.04
N ARG A 280 -16.00 -6.40 17.96
CA ARG A 280 -14.88 -5.46 17.84
C ARG A 280 -15.31 -4.08 17.37
N ASP A 281 -16.48 -3.95 16.73
CA ASP A 281 -16.86 -2.66 16.17
C ASP A 281 -17.41 -1.73 17.24
N LYS A 282 -17.72 -2.28 18.41
CA LYS A 282 -17.96 -1.45 19.61
C LYS A 282 -16.64 -1.42 20.39
N ARG A 283 -16.49 -0.41 21.25
CA ARG A 283 -15.23 -0.22 22.02
C ARG A 283 -14.21 0.55 21.16
N ILE A 284 -14.52 0.77 19.88
CA ILE A 284 -13.68 1.53 18.97
C ILE A 284 -14.46 2.57 18.18
N LYS A 285 -15.78 2.63 18.35
CA LYS A 285 -16.58 3.59 17.61
C LYS A 285 -16.41 5.07 17.98
N PRO A 286 -16.07 5.53 19.24
CA PRO A 286 -15.90 6.98 19.40
C PRO A 286 -14.51 7.50 19.10
N ILE A 287 -13.51 6.61 19.03
CA ILE A 287 -12.14 7.07 18.76
C ILE A 287 -11.89 7.24 17.26
N GLU A 288 -12.58 6.47 16.41
CA GLU A 288 -12.45 6.64 14.97
C GLU A 288 -13.10 7.93 14.48
N GLN A 289 -14.04 8.49 15.24
CA GLN A 289 -14.56 9.82 14.93
C GLN A 289 -13.46 10.88 15.05
N LEU A 290 -12.71 10.85 16.14
CA LEU A 290 -11.57 11.74 16.33
C LEU A 290 -10.49 11.51 15.28
N ARG A 291 -10.22 10.26 14.92
CA ARG A 291 -9.20 9.97 13.91
C ARG A 291 -9.60 10.43 12.50
N ASP A 292 -10.85 10.23 12.10
CA ASP A 292 -11.32 10.74 10.82
C ASP A 292 -11.42 12.26 10.81
N LYS A 293 -11.70 12.88 11.97
CA LYS A 293 -11.66 14.33 12.07
C LYS A 293 -10.26 14.87 11.83
N ILE A 294 -9.24 14.22 12.43
CA ILE A 294 -7.85 14.64 12.23
C ILE A 294 -7.44 14.47 10.76
N ALA A 295 -7.84 13.37 10.13
CA ALA A 295 -7.52 13.13 8.73
C ALA A 295 -8.17 14.15 7.80
N ASN A 296 -9.42 14.51 8.06
CA ASN A 296 -10.11 15.51 7.26
C ASN A 296 -9.54 16.91 7.45
N PHE A 297 -9.11 17.24 8.68
CA PHE A 297 -8.46 18.51 8.92
C PHE A 297 -7.14 18.61 8.16
N ARG A 298 -6.35 17.54 8.17
CA ARG A 298 -5.08 17.56 7.44
C ARG A 298 -5.30 17.67 5.94
N ASP A 299 -6.34 17.01 5.40
CA ASP A 299 -6.67 17.14 3.99
C ASP A 299 -7.07 18.56 3.60
N THR A 300 -7.95 19.19 4.39
CA THR A 300 -8.38 20.56 4.13
C THR A 300 -7.22 21.56 4.26
N THR A 301 -6.34 21.36 5.25
CA THR A 301 -5.20 22.24 5.43
C THR A 301 -4.18 22.10 4.30
N ASN A 302 -3.94 20.88 3.83
CA ASN A 302 -3.04 20.70 2.70
C ASN A 302 -3.60 21.29 1.41
N HIS A 303 -4.92 21.22 1.22
CA HIS A 303 -5.53 21.88 0.07
C HIS A 303 -5.38 23.40 0.13
N ARG A 304 -5.61 24.00 1.31
CA ARG A 304 -5.44 25.45 1.47
C ARG A 304 -3.99 25.87 1.24
N TYR A 305 -3.04 25.12 1.82
CA TYR A 305 -1.63 25.44 1.68
C TYR A 305 -1.16 25.31 0.24
N SER A 306 -1.65 24.30 -0.48
CA SER A 306 -1.28 24.10 -1.86
C SER A 306 -1.81 25.19 -2.76
N ARG A 307 -3.07 25.61 -2.53
CA ARG A 307 -3.62 26.70 -3.31
C ARG A 307 -2.89 28.02 -3.04
N TYR A 308 -2.48 28.26 -1.79
CA TYR A 308 -1.72 29.48 -1.50
C TYR A 308 -0.33 29.46 -2.13
N ILE A 309 0.34 28.31 -2.11
CA ILE A 309 1.68 28.21 -2.68
C ILE A 309 1.64 28.36 -4.21
N VAL A 310 0.66 27.77 -4.86
CA VAL A 310 0.60 27.94 -6.32
C VAL A 310 0.09 29.33 -6.70
N ASP A 311 -0.76 29.94 -5.85
CA ASP A 311 -1.22 31.31 -6.11
C ASP A 311 -0.10 32.33 -5.97
N MET A 312 0.81 32.12 -5.01
CA MET A 312 1.92 33.04 -4.86
C MET A 312 3.01 32.86 -5.92
N ALA A 313 2.94 31.79 -6.72
CA ALA A 313 3.81 31.64 -7.87
C ALA A 313 3.16 32.10 -9.17
N ILE A 314 1.83 32.07 -9.27
CA ILE A 314 1.15 32.77 -10.35
C ILE A 314 1.37 34.27 -10.22
N LYS A 315 1.40 34.78 -8.99
CA LYS A 315 1.48 36.20 -8.72
C LYS A 315 2.82 36.80 -9.14
N GLU A 316 3.91 36.05 -8.98
CA GLU A 316 5.24 36.55 -9.28
C GLU A 316 5.76 36.06 -10.63
N GLY A 317 4.90 35.49 -11.46
CA GLY A 317 5.27 35.12 -12.82
C GLY A 317 6.21 33.95 -12.94
N CYS A 318 6.33 33.11 -11.91
CA CYS A 318 7.27 32.01 -11.92
C CYS A 318 6.73 30.84 -12.73
N GLY A 319 7.62 30.20 -13.48
CA GLY A 319 7.28 28.99 -14.21
C GLY A 319 7.92 27.73 -13.69
N THR A 320 8.57 27.77 -12.53
CA THR A 320 9.22 26.61 -11.95
C THR A 320 9.11 26.70 -10.45
N ILE A 321 8.70 25.61 -9.81
CA ILE A 321 8.61 25.50 -8.36
C ILE A 321 9.66 24.49 -7.91
N GLN A 322 10.44 24.82 -6.89
CA GLN A 322 11.42 23.90 -6.34
C GLN A 322 11.20 23.75 -4.85
N MET A 323 11.15 22.52 -4.37
CA MET A 323 11.05 22.23 -2.95
C MET A 323 11.95 21.06 -2.61
N GLU A 324 11.98 20.67 -1.34
CA GLU A 324 12.89 19.64 -0.86
C GLU A 324 12.47 18.25 -1.32
N ASP A 325 13.24 17.26 -0.90
CA ASP A 325 12.98 15.85 -1.10
C ASP A 325 13.04 15.21 0.27
N LEU A 326 11.96 14.57 0.69
CA LEU A 326 11.82 14.14 2.07
C LEU A 326 12.02 12.65 2.27
N THR A 327 12.46 11.92 1.23
CA THR A 327 12.63 10.47 1.36
C THR A 327 13.80 10.11 2.26
N ASN A 328 14.87 10.92 2.28
CA ASN A 328 16.01 10.67 3.15
C ASN A 328 16.24 11.91 4.01
N ILE A 329 15.47 12.04 5.09
CA ILE A 329 15.72 13.04 6.12
C ILE A 329 15.72 12.35 7.48
N ARG A 330 14.62 11.67 7.79
CA ARG A 330 14.29 10.84 8.95
C ARG A 330 14.08 11.69 10.23
N ASP A 331 14.44 12.96 10.24
CA ASP A 331 14.16 13.83 11.38
C ASP A 331 13.18 14.91 10.93
N ILE A 332 12.15 14.50 10.19
CA ILE A 332 11.14 15.44 9.70
C ILE A 332 10.18 15.85 10.81
N GLY A 333 10.17 15.14 11.93
CA GLY A 333 9.41 15.56 13.09
C GLY A 333 9.97 16.78 13.79
N SER A 334 11.21 17.17 13.50
CA SER A 334 11.81 18.38 14.04
C SER A 334 11.35 19.65 13.33
N ARG A 335 10.55 19.52 12.28
CA ARG A 335 10.00 20.67 11.58
C ARG A 335 8.72 21.12 12.27
N PHE A 336 8.29 22.34 11.94
CA PHE A 336 6.92 22.75 12.20
C PHE A 336 6.01 21.91 11.32
N LEU A 337 4.77 21.65 11.79
CA LEU A 337 3.82 20.66 11.20
C LEU A 337 4.06 19.52 12.18
N GLN A 338 5.29 19.00 12.25
CA GLN A 338 5.74 18.09 13.32
C GLN A 338 5.41 16.60 13.18
N ASN A 339 4.32 16.24 12.50
CA ASN A 339 4.03 14.85 12.17
C ASN A 339 3.16 14.77 10.93
N TRP A 340 3.32 15.75 10.04
CA TRP A 340 2.31 16.04 9.02
C TRP A 340 2.28 14.96 7.95
N THR A 341 1.22 15.01 7.15
CA THR A 341 1.14 14.26 5.90
C THR A 341 1.83 15.10 4.83
N TYR A 342 3.16 15.05 4.85
CA TYR A 342 3.98 15.86 3.95
C TYR A 342 3.85 15.38 2.50
N TYR A 343 3.68 14.07 2.31
CA TYR A 343 3.53 13.52 0.97
C TYR A 343 2.25 14.00 0.32
N ASP A 344 1.16 14.07 1.09
CA ASP A 344 -0.13 14.57 0.61
C ASP A 344 -0.03 16.03 0.16
N LEU A 345 0.66 16.85 0.97
CA LEU A 345 0.86 18.25 0.65
C LEU A 345 1.67 18.41 -0.63
N GLN A 346 2.75 17.64 -0.77
CA GLN A 346 3.59 17.75 -1.95
C GLN A 346 2.89 17.26 -3.21
N GLN A 347 2.06 16.22 -3.10
CA GLN A 347 1.30 15.76 -4.27
C GLN A 347 0.24 16.78 -4.70
N LYS A 348 -0.37 17.46 -3.73
CA LYS A 348 -1.31 18.53 -4.05
C LYS A 348 -0.61 19.72 -4.71
N ILE A 349 0.58 20.09 -4.20
CA ILE A 349 1.44 21.09 -4.84
C ILE A 349 1.70 20.72 -6.29
N ILE A 350 2.05 19.46 -6.53
CA ILE A 350 2.43 19.01 -7.87
C ILE A 350 1.25 19.09 -8.83
N TYR A 351 0.06 18.59 -8.44
CA TYR A 351 -1.01 18.60 -9.43
C TYR A 351 -1.57 20.01 -9.64
N LYS A 352 -1.61 20.84 -8.59
CA LYS A 352 -2.10 22.20 -8.79
C LYS A 352 -1.12 23.07 -9.58
N ALA A 353 0.19 22.82 -9.46
CA ALA A 353 1.15 23.52 -10.29
C ALA A 353 1.14 23.03 -11.73
N GLU A 354 0.94 21.72 -11.96
CA GLU A 354 0.75 21.22 -13.32
C GLU A 354 -0.51 21.79 -13.95
N GLU A 355 -1.56 22.00 -13.16
CA GLU A 355 -2.77 22.63 -13.66
C GLU A 355 -2.56 24.10 -13.97
N ALA A 356 -1.71 24.77 -13.18
CA ALA A 356 -1.39 26.17 -13.44
C ALA A 356 -0.35 26.37 -14.53
N GLY A 357 0.39 25.33 -14.90
CA GLY A 357 1.44 25.43 -15.90
C GLY A 357 2.84 25.58 -15.36
N ILE A 358 3.09 25.13 -14.14
CA ILE A 358 4.36 25.34 -13.45
C ILE A 358 5.02 23.97 -13.24
N LYS A 359 6.33 23.94 -13.43
CA LYS A 359 7.11 22.72 -13.25
C LYS A 359 7.57 22.61 -11.80
N VAL A 360 7.46 21.42 -11.23
CA VAL A 360 7.87 21.16 -9.85
C VAL A 360 9.10 20.27 -9.89
N ILE A 361 10.19 20.73 -9.29
CA ILE A 361 11.46 20.03 -9.28
C ILE A 361 11.88 19.80 -7.84
N LYS A 362 11.90 18.54 -7.42
CA LYS A 362 12.39 18.19 -6.09
C LYS A 362 13.90 18.15 -6.10
N ILE A 363 14.52 18.67 -5.04
CA ILE A 363 15.96 18.79 -4.94
C ILE A 363 16.42 18.17 -3.63
N ASP A 364 17.70 17.81 -3.59
CA ASP A 364 18.30 17.23 -2.39
C ASP A 364 18.43 18.30 -1.32
N PRO A 365 17.83 18.12 -0.14
CA PRO A 365 18.06 19.06 0.97
C PRO A 365 19.37 18.76 1.70
N GLN A 366 20.48 18.95 0.99
CA GLN A 366 21.82 18.54 1.41
C GLN A 366 22.23 19.17 2.73
N TYR A 367 22.40 20.49 2.75
CA TYR A 367 22.42 21.21 4.01
C TYR A 367 21.31 22.25 4.06
N THR A 368 21.31 23.22 3.13
CA THR A 368 20.24 24.19 2.85
C THR A 368 19.82 25.08 4.02
N SER A 369 20.43 24.93 5.19
CA SER A 369 20.15 25.74 6.35
C SER A 369 21.42 26.25 7.01
N GLN A 370 22.57 25.70 6.65
CA GLN A 370 23.86 26.21 7.06
C GLN A 370 24.52 27.06 5.99
N ARG A 371 24.14 26.86 4.73
CA ARG A 371 24.60 27.72 3.65
C ARG A 371 23.95 29.09 3.78
N CYS A 372 24.71 30.14 3.47
CA CYS A 372 24.29 31.50 3.81
C CYS A 372 23.40 32.14 2.76
N SER A 373 23.30 31.56 1.55
CA SER A 373 22.45 31.98 0.43
C SER A 373 22.84 33.32 -0.19
N GLU A 374 23.85 33.99 0.36
CA GLU A 374 24.36 35.23 -0.20
C GLU A 374 25.74 35.05 -0.82
N CYS A 375 26.60 34.26 -0.17
CA CYS A 375 27.85 33.82 -0.75
C CYS A 375 27.87 32.31 -0.95
N GLY A 376 27.57 31.54 0.09
CA GLY A 376 27.49 30.09 -0.05
C GLY A 376 28.36 29.30 0.90
N ASN A 377 28.81 29.93 2.00
CA ASN A 377 29.68 29.26 2.95
C ASN A 377 28.84 28.45 3.92
N ILE A 378 29.21 27.18 4.11
CA ILE A 378 28.45 26.24 4.91
C ILE A 378 29.21 26.01 6.22
N ASP A 379 28.62 26.47 7.33
CA ASP A 379 29.18 26.25 8.66
C ASP A 379 28.06 25.76 9.57
N SER A 380 28.35 24.72 10.35
CA SER A 380 27.30 24.11 11.17
C SER A 380 26.93 24.98 12.36
N GLY A 381 27.81 25.91 12.74
CA GLY A 381 27.50 26.86 13.79
C GLY A 381 26.84 28.13 13.32
N ASN A 382 26.26 28.13 12.12
CA ASN A 382 25.67 29.35 11.57
C ASN A 382 24.37 29.71 12.28
N ARG A 383 23.46 28.76 12.42
CA ARG A 383 22.19 29.04 13.10
C ARG A 383 22.37 28.80 14.60
N ILE A 384 21.96 29.78 15.40
CA ILE A 384 22.36 29.89 16.80
C ILE A 384 21.15 29.94 17.73
N GLY A 385 20.12 29.14 17.46
CA GLY A 385 18.90 29.25 18.25
C GLY A 385 17.60 29.05 17.48
N GLN A 386 17.70 28.49 16.27
CA GLN A 386 16.61 27.83 15.56
C GLN A 386 15.55 28.79 15.03
N ALA A 387 15.80 30.09 15.09
CA ALA A 387 14.97 31.08 14.44
C ALA A 387 15.79 32.09 13.67
N ILE A 388 17.01 32.33 14.13
CA ILE A 388 17.87 33.39 13.61
C ILE A 388 18.99 32.74 12.80
N PHE A 389 19.56 33.48 11.85
CA PHE A 389 20.65 33.01 11.04
C PHE A 389 21.72 34.09 10.94
N LYS A 390 22.93 33.73 11.38
CA LYS A 390 24.13 34.56 11.32
C LYS A 390 25.15 33.87 10.43
N CYS A 391 25.64 34.59 9.42
CA CYS A 391 26.78 34.10 8.66
C CYS A 391 28.09 34.53 9.32
N ARG A 392 29.18 33.97 8.81
CA ARG A 392 30.53 34.28 9.28
C ARG A 392 31.39 34.97 8.24
N ALA A 393 31.18 34.68 6.96
CA ALA A 393 32.01 35.22 5.89
C ALA A 393 31.49 36.52 5.32
N CYS A 394 30.23 36.87 5.56
CA CYS A 394 29.69 38.12 5.04
C CYS A 394 28.84 38.84 6.07
N GLY A 395 28.66 38.22 7.24
CA GLY A 395 27.82 38.80 8.28
C GLY A 395 26.35 38.90 7.92
N TYR A 396 25.82 37.89 7.23
CA TYR A 396 24.44 37.93 6.77
C TYR A 396 23.48 37.67 7.92
N GLU A 397 22.50 38.56 8.07
CA GLU A 397 21.52 38.53 9.15
C GLU A 397 20.16 38.20 8.56
N ALA A 398 19.61 37.03 8.91
CA ALA A 398 18.34 36.66 8.31
C ALA A 398 17.53 35.76 9.21
N ASN A 399 16.27 35.57 8.83
CA ASN A 399 15.46 34.49 9.38
C ASN A 399 15.94 33.16 8.79
N ALA A 400 15.93 32.12 9.62
CA ALA A 400 16.46 30.82 9.21
C ALA A 400 15.60 30.16 8.14
N ASP A 401 14.27 30.25 8.26
CA ASP A 401 13.40 29.65 7.26
C ASP A 401 13.43 30.41 5.94
N TYR A 402 13.54 31.74 6.00
CA TYR A 402 13.68 32.52 4.78
C TYR A 402 15.00 32.24 4.08
N ASN A 403 16.08 32.10 4.86
CA ASN A 403 17.38 31.76 4.29
C ASN A 403 17.36 30.37 3.67
N ALA A 404 16.68 29.42 4.31
CA ALA A 404 16.52 28.08 3.74
C ALA A 404 15.71 28.11 2.46
N ALA A 405 14.59 28.83 2.44
CA ALA A 405 13.74 28.92 1.25
C ALA A 405 14.45 29.65 0.11
N ARG A 406 15.29 30.63 0.43
CA ARG A 406 16.07 31.28 -0.61
C ARG A 406 17.17 30.37 -1.14
N ASN A 407 17.70 29.49 -0.29
CA ASN A 407 18.65 28.49 -0.77
C ASN A 407 17.98 27.43 -1.64
N ILE A 408 16.69 27.15 -1.42
CA ILE A 408 15.99 26.18 -2.27
C ILE A 408 15.79 26.75 -3.68
N ALA A 409 15.56 28.05 -3.81
CA ALA A 409 15.17 28.67 -5.07
C ALA A 409 16.30 28.81 -6.08
N ILE A 410 17.52 28.38 -5.76
CA ILE A 410 18.65 28.44 -6.69
C ILE A 410 18.55 27.24 -7.64
N PRO A 411 18.75 27.43 -8.96
CA PRO A 411 18.40 26.38 -9.94
C PRO A 411 19.12 25.05 -9.81
N ASN A 412 20.41 25.02 -9.49
CA ASN A 412 21.13 23.75 -9.36
C ASN A 412 21.87 23.71 -8.03
N ILE A 413 21.15 24.01 -6.94
CA ILE A 413 21.79 24.17 -5.64
C ILE A 413 22.23 22.84 -5.03
N ASP A 414 21.61 21.72 -5.43
CA ASP A 414 22.00 20.42 -4.86
C ASP A 414 23.33 19.94 -5.43
N LYS A 415 23.65 20.30 -6.66
CA LYS A 415 24.98 20.02 -7.20
C LYS A 415 26.01 21.02 -6.69
N ILE A 416 25.56 22.25 -6.43
CA ILE A 416 26.46 23.31 -5.97
C ILE A 416 26.93 23.03 -4.54
N ILE A 417 26.03 22.56 -3.69
CA ILE A 417 26.42 22.22 -2.32
C ILE A 417 27.28 20.96 -2.30
N ALA A 418 26.84 19.91 -3.00
CA ALA A 418 27.60 18.67 -3.08
C ALA A 418 27.32 17.95 -4.39
N ILE B 2 4.14 -20.99 25.74
CA ILE B 2 3.75 -21.02 24.33
C ILE B 2 4.02 -19.62 23.77
N LYS B 3 4.85 -18.85 24.49
CA LYS B 3 5.11 -17.48 24.11
C LYS B 3 6.48 -17.38 23.45
N VAL B 4 6.75 -16.24 22.81
CA VAL B 4 7.91 -16.05 21.96
C VAL B 4 8.87 -15.07 22.61
N TYR B 5 10.17 -15.28 22.39
CA TYR B 5 11.19 -14.28 22.69
C TYR B 5 12.28 -14.40 21.63
N ARG B 6 12.72 -13.27 21.08
CA ARG B 6 13.74 -13.28 20.04
C ARG B 6 15.12 -13.01 20.63
N TYR B 7 16.14 -13.52 19.95
CA TYR B 7 17.52 -13.44 20.42
C TYR B 7 18.41 -13.17 19.22
N GLU B 8 19.06 -12.00 19.21
CA GLU B 8 19.88 -11.58 18.08
C GLU B 8 21.16 -12.40 18.01
N ILE B 9 21.56 -12.74 16.78
CA ILE B 9 22.72 -13.59 16.51
C ILE B 9 23.89 -12.69 16.14
N VAL B 10 24.98 -12.77 16.90
CA VAL B 10 26.16 -11.97 16.57
C VAL B 10 27.00 -12.64 15.49
N LYS B 11 27.28 -13.93 15.62
CA LYS B 11 28.16 -14.61 14.67
C LYS B 11 27.97 -16.11 14.77
N PRO B 12 28.21 -16.85 13.70
CA PRO B 12 28.39 -18.30 13.81
C PRO B 12 29.80 -18.65 14.28
N LEU B 13 29.92 -19.80 14.92
CA LEU B 13 31.20 -20.21 15.49
C LEU B 13 32.18 -20.67 14.42
N ASP B 14 31.84 -21.73 13.70
CA ASP B 14 32.74 -22.34 12.74
C ASP B 14 32.56 -21.81 11.32
N LEU B 15 31.89 -20.68 11.16
CA LEU B 15 31.67 -20.09 9.86
C LEU B 15 31.88 -18.59 9.94
N ASP B 16 31.95 -17.95 8.78
CA ASP B 16 31.98 -16.50 8.67
C ASP B 16 30.59 -15.98 8.31
N TRP B 17 30.45 -14.65 8.33
CA TRP B 17 29.15 -14.05 8.04
C TRP B 17 28.84 -13.95 6.56
N LYS B 18 29.70 -14.47 5.67
CA LYS B 18 29.38 -14.50 4.26
C LYS B 18 28.94 -15.88 3.78
N GLU B 19 29.50 -16.94 4.35
CA GLU B 19 29.01 -18.28 4.08
C GLU B 19 27.65 -18.52 4.72
N PHE B 20 27.49 -18.10 5.98
CA PHE B 20 26.26 -18.29 6.72
C PHE B 20 25.12 -17.49 6.11
N GLY B 21 25.40 -16.26 5.66
CA GLY B 21 24.40 -15.46 4.97
C GLY B 21 23.96 -16.02 3.64
N THR B 22 24.89 -16.58 2.86
CA THR B 22 24.53 -17.24 1.60
C THR B 22 23.68 -18.47 1.84
N ILE B 23 24.00 -19.24 2.88
CA ILE B 23 23.19 -20.40 3.27
C ILE B 23 21.78 -19.97 3.65
N LEU B 24 21.65 -18.89 4.43
CA LEU B 24 20.34 -18.42 4.85
C LEU B 24 19.52 -17.84 3.69
N ARG B 25 20.16 -17.17 2.73
CA ARG B 25 19.42 -16.68 1.57
C ARG B 25 18.94 -17.83 0.69
N GLN B 26 19.75 -18.87 0.53
CA GLN B 26 19.31 -20.06 -0.21
C GLN B 26 18.15 -20.77 0.47
N LEU B 27 18.21 -20.89 1.80
CA LEU B 27 17.11 -21.48 2.56
C LEU B 27 15.85 -20.62 2.49
N GLN B 28 15.99 -19.30 2.45
CA GLN B 28 14.84 -18.43 2.29
C GLN B 28 14.19 -18.56 0.92
N GLN B 29 15.00 -18.70 -0.14
CA GLN B 29 14.46 -18.96 -1.47
C GLN B 29 13.68 -20.28 -1.53
N GLU B 30 14.21 -21.34 -0.94
CA GLU B 30 13.45 -22.59 -0.94
C GLU B 30 12.22 -22.56 -0.04
N THR B 31 12.27 -21.83 1.08
CA THR B 31 11.11 -21.69 1.94
C THR B 31 9.98 -20.96 1.22
N ARG B 32 10.31 -19.88 0.50
CA ARG B 32 9.28 -19.17 -0.25
C ARG B 32 8.75 -19.98 -1.43
N PHE B 33 9.61 -20.77 -2.08
CA PHE B 33 9.15 -21.68 -3.13
C PHE B 33 8.13 -22.68 -2.58
N ALA B 34 8.44 -23.31 -1.45
CA ALA B 34 7.54 -24.29 -0.86
C ALA B 34 6.23 -23.65 -0.39
N LEU B 35 6.30 -22.41 0.14
CA LEU B 35 5.09 -21.72 0.57
C LEU B 35 4.17 -21.38 -0.59
N ASN B 36 4.73 -20.94 -1.72
CA ASN B 36 3.89 -20.61 -2.87
C ASN B 36 3.34 -21.88 -3.54
N LYS B 37 4.19 -22.89 -3.69
CA LYS B 37 3.78 -24.11 -4.38
C LYS B 37 2.75 -24.90 -3.57
N ALA B 38 2.85 -24.87 -2.23
CA ALA B 38 1.85 -25.52 -1.41
C ALA B 38 0.50 -24.83 -1.49
N THR B 39 0.47 -23.51 -1.67
CA THR B 39 -0.78 -22.79 -1.91
C THR B 39 -1.39 -23.15 -3.25
N GLN B 40 -0.56 -23.27 -4.30
CA GLN B 40 -1.06 -23.74 -5.60
C GLN B 40 -1.64 -25.16 -5.52
N LEU B 41 -0.93 -26.08 -4.88
CA LEU B 41 -1.41 -27.45 -4.75
C LEU B 41 -2.61 -27.57 -3.82
N ALA B 42 -2.74 -26.67 -2.83
CA ALA B 42 -3.94 -26.63 -2.02
C ALA B 42 -5.13 -26.07 -2.78
N TRP B 43 -4.89 -25.13 -3.69
CA TRP B 43 -5.93 -24.67 -4.60
C TRP B 43 -6.40 -25.79 -5.51
N GLU B 44 -5.46 -26.58 -6.03
CA GLU B 44 -5.81 -27.69 -6.92
C GLU B 44 -6.52 -28.81 -6.17
N TRP B 45 -6.08 -29.09 -4.93
CA TRP B 45 -6.63 -30.20 -4.17
C TRP B 45 -8.06 -29.95 -3.69
N MET B 46 -8.39 -28.70 -3.36
CA MET B 46 -9.70 -28.36 -2.83
C MET B 46 -10.77 -28.22 -3.91
N GLY B 47 -10.51 -28.68 -5.13
CA GLY B 47 -11.39 -28.40 -6.23
C GLY B 47 -10.91 -27.14 -6.91
N PHE B 48 -11.78 -26.14 -6.97
CA PHE B 48 -11.42 -24.72 -7.09
C PHE B 48 -10.76 -24.29 -8.40
N SER B 49 -10.40 -25.21 -9.30
CA SER B 49 -9.41 -24.80 -10.28
C SER B 49 -9.98 -24.07 -11.49
N SER B 50 -10.42 -24.83 -12.49
CA SER B 50 -10.83 -24.35 -13.81
C SER B 50 -11.11 -25.56 -14.67
N ASP B 51 -11.58 -25.32 -15.88
CA ASP B 51 -11.70 -26.39 -16.84
C ASP B 51 -10.43 -26.61 -17.64
N TYR B 52 -9.67 -25.55 -17.94
CA TYR B 52 -8.53 -25.66 -18.85
C TYR B 52 -7.32 -26.38 -18.25
N LYS B 53 -7.30 -26.61 -16.94
CA LYS B 53 -6.19 -27.31 -16.31
C LYS B 53 -6.45 -28.80 -16.15
N ASP B 54 -7.67 -29.19 -15.81
CA ASP B 54 -8.04 -30.60 -15.76
C ASP B 54 -8.28 -31.17 -17.14
N ASN B 55 -8.54 -30.32 -18.14
CA ASN B 55 -8.55 -30.74 -19.53
C ASN B 55 -7.19 -30.52 -20.18
N HIS B 56 -6.15 -31.02 -19.52
CA HIS B 56 -4.77 -30.81 -19.95
C HIS B 56 -3.87 -31.90 -19.38
N LEU B 66 -4.75 -40.18 -5.39
CA LEU B 66 -3.38 -40.44 -5.78
C LEU B 66 -2.58 -41.10 -4.66
N GLY B 67 -3.30 -41.75 -3.74
CA GLY B 67 -2.65 -42.36 -2.60
C GLY B 67 -2.25 -41.40 -1.51
N TYR B 68 -2.88 -40.22 -1.47
CA TYR B 68 -2.60 -39.22 -0.45
C TYR B 68 -3.84 -38.96 0.37
N THR B 69 -3.69 -38.99 1.70
CA THR B 69 -4.82 -38.77 2.59
C THR B 69 -5.22 -37.30 2.62
N ASN B 70 -4.25 -36.41 2.78
CA ASN B 70 -4.51 -34.99 2.94
C ASN B 70 -3.64 -34.19 1.97
N VAL B 71 -3.87 -32.87 1.97
CA VAL B 71 -3.15 -31.98 1.07
C VAL B 71 -1.71 -31.79 1.54
N HIS B 72 -1.45 -32.00 2.85
CA HIS B 72 -0.11 -31.85 3.39
C HIS B 72 0.84 -32.91 2.84
N GLY B 73 0.40 -34.16 2.78
CA GLY B 73 1.26 -35.23 2.28
C GLY B 73 1.51 -35.14 0.79
N TYR B 74 0.47 -34.80 0.02
CA TYR B 74 0.62 -34.63 -1.42
C TYR B 74 1.53 -33.46 -1.76
N ALA B 75 1.35 -32.34 -1.04
CA ALA B 75 2.21 -31.18 -1.24
C ALA B 75 3.64 -31.46 -0.79
N TYR B 76 3.82 -32.21 0.30
CA TYR B 76 5.16 -32.55 0.77
C TYR B 76 5.91 -33.43 -0.21
N HIS B 77 5.26 -34.48 -0.71
CA HIS B 77 5.92 -35.37 -1.65
C HIS B 77 6.09 -34.78 -3.03
N THR B 78 5.29 -33.76 -3.38
CA THR B 78 5.58 -33.03 -4.62
C THR B 78 6.72 -32.03 -4.44
N ILE B 79 6.76 -31.33 -3.31
CA ILE B 79 7.70 -30.22 -3.15
C ILE B 79 9.11 -30.71 -2.81
N LYS B 80 9.25 -31.82 -2.07
CA LYS B 80 10.53 -32.20 -1.49
C LYS B 80 11.61 -32.57 -2.50
N THR B 81 11.26 -32.75 -3.78
CA THR B 81 12.28 -32.97 -4.79
C THR B 81 13.03 -31.68 -5.11
N LYS B 82 12.31 -30.58 -5.32
CA LYS B 82 12.94 -29.34 -5.74
C LYS B 82 13.43 -28.51 -4.55
N ALA B 83 12.86 -28.73 -3.37
CA ALA B 83 13.26 -28.02 -2.15
C ALA B 83 14.18 -28.88 -1.30
N TYR B 84 15.11 -29.58 -1.95
CA TYR B 84 15.92 -30.62 -1.32
C TYR B 84 16.94 -30.10 -0.31
N ARG B 85 17.30 -28.81 -0.37
CA ARG B 85 18.33 -28.31 0.54
C ARG B 85 17.83 -28.09 1.96
N LEU B 86 16.52 -28.00 2.15
CA LEU B 86 15.97 -27.80 3.49
C LEU B 86 15.95 -29.11 4.26
N ASN B 87 16.00 -29.00 5.59
CA ASN B 87 15.77 -30.15 6.45
C ASN B 87 14.33 -30.61 6.29
N SER B 88 14.11 -31.92 6.43
CA SER B 88 12.82 -32.50 6.07
C SER B 88 11.71 -32.12 7.03
N GLY B 89 12.01 -32.10 8.34
CA GLY B 89 11.04 -31.61 9.31
C GLY B 89 10.74 -30.13 9.19
N ASN B 90 11.74 -29.33 8.81
CA ASN B 90 11.52 -27.91 8.58
C ASN B 90 10.66 -27.68 7.34
N LEU B 91 10.87 -28.47 6.29
CA LEU B 91 10.04 -28.37 5.09
C LEU B 91 8.62 -28.80 5.37
N SER B 92 8.44 -29.84 6.18
CA SER B 92 7.12 -30.24 6.64
C SER B 92 6.43 -29.17 7.47
N GLN B 93 7.15 -28.49 8.37
CA GLN B 93 6.58 -27.40 9.13
C GLN B 93 6.26 -26.16 8.28
N THR B 94 7.00 -25.95 7.18
CA THR B 94 6.67 -24.86 6.26
C THR B 94 5.40 -25.17 5.46
N ILE B 95 5.31 -26.39 4.92
CA ILE B 95 4.17 -26.80 4.11
C ILE B 95 2.91 -26.88 4.95
N LYS B 96 3.04 -27.23 6.23
CA LYS B 96 1.91 -27.22 7.14
C LYS B 96 1.37 -25.81 7.35
N ARG B 97 2.25 -24.82 7.46
CA ARG B 97 1.83 -23.43 7.60
C ARG B 97 1.08 -22.94 6.36
N ALA B 98 1.60 -23.25 5.17
CA ALA B 98 0.91 -22.85 3.95
C ALA B 98 -0.45 -23.54 3.75
N THR B 99 -0.53 -24.85 3.99
CA THR B 99 -1.80 -25.56 3.81
C THR B 99 -2.81 -25.23 4.89
N ASP B 100 -2.38 -24.98 6.13
CA ASP B 100 -3.33 -24.57 7.16
C ASP B 100 -3.80 -23.14 6.95
N ARG B 101 -2.96 -22.27 6.36
CA ARG B 101 -3.41 -20.94 5.99
C ARG B 101 -4.43 -21.02 4.85
N PHE B 102 -4.24 -21.93 3.90
CA PHE B 102 -5.25 -22.09 2.86
C PHE B 102 -6.54 -22.68 3.40
N LYS B 103 -6.47 -23.61 4.35
CA LYS B 103 -7.69 -24.23 4.86
C LYS B 103 -8.44 -23.31 5.82
N ALA B 104 -7.75 -22.40 6.51
CA ALA B 104 -8.44 -21.45 7.36
C ALA B 104 -9.13 -20.35 6.56
N TYR B 105 -8.76 -20.15 5.30
CA TYR B 105 -9.28 -19.08 4.47
C TYR B 105 -10.08 -19.59 3.27
N GLN B 106 -10.39 -20.88 3.25
CA GLN B 106 -10.91 -21.54 2.05
C GLN B 106 -12.30 -21.04 1.66
N LYS B 107 -13.13 -20.74 2.65
CA LYS B 107 -14.51 -20.32 2.38
C LYS B 107 -14.58 -18.92 1.81
N GLU B 108 -13.73 -17.99 2.26
CA GLU B 108 -13.70 -16.66 1.68
C GLU B 108 -13.05 -16.65 0.31
N ILE B 109 -12.08 -17.54 0.07
CA ILE B 109 -11.51 -17.69 -1.26
C ILE B 109 -12.57 -18.21 -2.23
N LEU B 110 -13.41 -19.13 -1.77
CA LEU B 110 -14.50 -19.61 -2.62
C LEU B 110 -15.58 -18.55 -2.82
N ARG B 111 -15.88 -17.76 -1.78
CA ARG B 111 -16.93 -16.76 -1.87
C ARG B 111 -16.52 -15.52 -2.64
N GLY B 112 -15.23 -15.27 -2.80
CA GLY B 112 -14.79 -14.03 -3.43
C GLY B 112 -14.66 -12.87 -2.49
N ASP B 113 -14.51 -13.12 -1.20
CA ASP B 113 -14.21 -12.08 -0.23
C ASP B 113 -12.72 -11.94 0.01
N MET B 114 -11.91 -12.64 -0.77
CA MET B 114 -10.47 -12.71 -0.59
C MET B 114 -9.88 -13.21 -1.90
N SER B 115 -8.67 -12.75 -2.22
CA SER B 115 -7.86 -13.35 -3.28
C SER B 115 -6.92 -14.40 -2.69
N ILE B 116 -5.88 -14.76 -3.43
CA ILE B 116 -4.91 -15.79 -3.03
C ILE B 116 -4.04 -15.35 -1.87
N PRO B 117 -3.77 -16.22 -0.88
CA PRO B 117 -2.74 -15.89 0.12
C PRO B 117 -1.34 -15.84 -0.48
N SER B 118 -0.56 -14.85 -0.04
CA SER B 118 0.76 -14.60 -0.59
C SER B 118 1.78 -14.46 0.53
N TYR B 119 3.06 -14.54 0.16
CA TYR B 119 4.16 -14.63 1.11
C TYR B 119 5.29 -13.71 0.67
N LYS B 120 5.90 -13.04 1.64
CA LYS B 120 6.88 -11.99 1.33
C LYS B 120 8.26 -12.57 1.09
N ARG B 121 9.14 -11.73 0.56
CA ARG B 121 10.48 -12.14 0.13
C ARG B 121 11.36 -12.45 1.34
N ASP B 122 11.36 -11.57 2.34
CA ASP B 122 12.18 -11.75 3.54
C ASP B 122 11.42 -12.69 4.49
N ILE B 123 11.50 -13.98 4.17
CA ILE B 123 10.63 -14.97 4.80
C ILE B 123 11.33 -15.52 6.06
N PRO B 124 10.59 -15.85 7.11
CA PRO B 124 11.19 -16.58 8.23
C PRO B 124 11.49 -18.02 7.85
N LEU B 125 12.47 -18.60 8.54
CA LEU B 125 12.87 -19.98 8.34
C LEU B 125 12.36 -20.80 9.51
N ASP B 126 11.63 -21.87 9.22
CA ASP B 126 11.03 -22.66 10.28
C ASP B 126 12.04 -23.62 10.90
N LEU B 127 11.78 -23.99 12.15
CA LEU B 127 12.66 -24.90 12.88
C LEU B 127 11.80 -25.68 13.87
N ILE B 128 11.66 -26.99 13.67
CA ILE B 128 10.95 -27.80 14.65
C ILE B 128 11.82 -27.99 15.88
N LYS B 129 11.20 -28.41 16.99
CA LYS B 129 11.86 -28.45 18.28
C LYS B 129 12.94 -29.53 18.38
N GLU B 130 12.98 -30.46 17.42
CA GLU B 130 14.08 -31.42 17.33
C GLU B 130 15.34 -30.82 16.72
N ASN B 131 15.27 -29.59 16.20
CA ASN B 131 16.37 -28.98 15.47
C ASN B 131 16.89 -27.71 16.14
N ILE B 132 16.53 -27.49 17.41
CA ILE B 132 16.94 -26.30 18.16
C ILE B 132 17.60 -26.78 19.43
N SER B 133 18.81 -26.29 19.71
CA SER B 133 19.49 -26.59 20.95
C SER B 133 20.11 -25.30 21.48
N VAL B 134 20.20 -25.17 22.81
CA VAL B 134 20.89 -24.05 23.42
C VAL B 134 21.81 -24.58 24.53
N ASN B 135 22.92 -23.89 24.73
CA ASN B 135 23.93 -24.33 25.68
C ASN B 135 24.69 -23.14 26.24
N ARG B 136 24.83 -23.11 27.56
CA ARG B 136 25.74 -22.23 28.27
C ARG B 136 27.00 -23.00 28.63
N MET B 137 28.14 -22.31 28.59
CA MET B 137 29.40 -22.88 29.03
C MET B 137 29.89 -22.13 30.27
N ASN B 138 31.08 -22.50 30.73
CA ASN B 138 31.67 -21.82 31.87
C ASN B 138 32.19 -20.44 31.49
N HIS B 139 32.49 -20.23 30.20
CA HIS B 139 33.05 -18.97 29.74
C HIS B 139 32.02 -17.84 29.73
N GLY B 140 30.76 -18.11 29.42
CA GLY B 140 29.71 -17.11 29.51
C GLY B 140 28.89 -16.89 28.25
N ASP B 141 29.33 -17.35 27.09
CA ASP B 141 28.55 -17.14 25.89
C ASP B 141 27.42 -18.16 25.79
N TYR B 142 26.50 -17.93 24.85
CA TYR B 142 25.31 -18.75 24.66
C TYR B 142 25.32 -19.29 23.24
N ILE B 143 25.44 -20.62 23.09
CA ILE B 143 25.43 -21.27 21.78
C ILE B 143 24.03 -21.75 21.48
N ALA B 144 23.50 -21.38 20.32
CA ALA B 144 22.33 -21.98 19.73
C ALA B 144 22.77 -22.87 18.58
N SER B 145 22.45 -24.15 18.67
CA SER B 145 22.77 -25.15 17.66
C SER B 145 21.53 -25.40 16.81
N LEU B 146 21.67 -25.24 15.51
CA LEU B 146 20.55 -25.20 14.57
C LEU B 146 20.79 -26.25 13.50
N SER B 147 19.83 -27.15 13.33
CA SER B 147 19.87 -28.14 12.25
C SER B 147 19.03 -27.59 11.10
N LEU B 148 19.70 -27.04 10.10
CA LEU B 148 19.04 -26.28 9.04
C LEU B 148 19.12 -26.92 7.67
N LEU B 149 20.02 -27.86 7.45
CA LEU B 149 20.25 -28.43 6.13
C LEU B 149 19.95 -29.92 6.15
N SER B 150 19.77 -30.47 4.95
CA SER B 150 19.60 -31.90 4.79
C SER B 150 20.94 -32.54 4.46
N ASN B 151 20.94 -33.86 4.31
CA ASN B 151 22.17 -34.57 3.94
C ASN B 151 22.66 -34.29 2.51
N PRO B 152 21.82 -34.19 1.46
CA PRO B 152 22.36 -33.75 0.16
C PRO B 152 22.86 -32.31 0.14
N ALA B 153 22.44 -31.47 1.08
CA ALA B 153 22.99 -30.13 1.17
C ALA B 153 24.25 -30.10 2.03
N LYS B 154 24.32 -30.92 3.07
CA LYS B 154 25.53 -30.98 3.90
C LYS B 154 26.67 -31.72 3.22
N GLN B 155 26.39 -32.59 2.25
CA GLN B 155 27.45 -33.24 1.49
C GLN B 155 27.88 -32.39 0.29
N GLU B 156 27.36 -31.17 0.16
CA GLU B 156 27.70 -30.29 -0.94
C GLU B 156 28.21 -28.93 -0.50
N MET B 157 27.68 -28.36 0.58
CA MET B 157 28.27 -27.17 1.19
C MET B 157 29.37 -27.51 2.18
N ASN B 158 29.54 -28.81 2.49
CA ASN B 158 30.60 -29.34 3.35
C ASN B 158 30.54 -28.75 4.76
N VAL B 159 29.31 -28.54 5.24
CA VAL B 159 29.09 -28.18 6.63
C VAL B 159 29.01 -29.49 7.43
N LYS B 160 29.88 -29.61 8.43
CA LYS B 160 30.10 -30.90 9.07
C LYS B 160 29.11 -31.22 10.18
N ARG B 161 28.77 -30.25 11.00
CA ARG B 161 27.89 -30.45 12.15
C ARG B 161 26.64 -29.60 11.97
N LYS B 162 25.84 -29.52 13.03
CA LYS B 162 24.81 -28.51 13.10
C LYS B 162 25.46 -27.13 13.18
N ILE B 163 24.77 -26.12 12.67
CA ILE B 163 25.32 -24.77 12.65
C ILE B 163 25.19 -24.16 14.03
N SER B 164 26.31 -23.76 14.62
CA SER B 164 26.34 -23.23 15.97
C SER B 164 26.59 -21.72 15.92
N VAL B 165 25.68 -20.95 16.51
CA VAL B 165 25.78 -19.49 16.51
C VAL B 165 25.74 -19.00 17.95
N ILE B 166 26.20 -17.76 18.14
CA ILE B 166 26.21 -17.13 19.46
C ILE B 166 25.04 -16.16 19.53
N ILE B 167 24.25 -16.26 20.60
CA ILE B 167 23.07 -15.43 20.75
C ILE B 167 23.24 -14.48 21.93
N ILE B 168 22.79 -13.24 21.75
CA ILE B 168 22.79 -12.25 22.81
C ILE B 168 21.65 -12.56 23.76
N VAL B 169 21.99 -13.02 24.95
CA VAL B 169 21.00 -13.27 26.00
C VAL B 169 21.31 -12.28 27.12
N ARG B 170 20.62 -11.14 27.12
CA ARG B 170 20.84 -10.11 28.12
C ARG B 170 19.51 -9.72 28.75
N GLY B 171 19.55 -9.49 30.06
CA GLY B 171 18.43 -8.93 30.80
C GLY B 171 17.14 -9.72 30.83
N ALA B 172 16.14 -9.18 30.11
CA ALA B 172 14.77 -9.68 30.18
C ALA B 172 14.66 -11.11 29.68
N GLY B 173 15.40 -11.44 28.61
CA GLY B 173 15.43 -12.79 28.12
C GLY B 173 16.30 -13.74 28.90
N LYS B 174 17.15 -13.22 29.80
CA LYS B 174 18.06 -14.09 30.54
C LYS B 174 17.32 -14.92 31.58
N THR B 175 16.19 -14.43 32.09
CA THR B 175 15.31 -15.27 32.89
C THR B 175 14.66 -16.34 32.03
N ILE B 176 14.39 -16.02 30.75
CA ILE B 176 13.69 -16.94 29.87
C ILE B 176 14.59 -18.10 29.47
N MET B 177 15.86 -17.81 29.19
CA MET B 177 16.75 -18.82 28.63
C MET B 177 17.17 -19.85 29.68
N ASP B 178 17.39 -19.42 30.93
CA ASP B 178 17.92 -20.32 31.95
C ASP B 178 16.93 -21.42 32.33
N ARG B 179 15.64 -21.08 32.45
CA ARG B 179 14.61 -22.09 32.64
C ARG B 179 14.47 -23.02 31.43
N ILE B 180 14.92 -22.58 30.26
CA ILE B 180 15.08 -23.50 29.14
C ILE B 180 16.18 -24.51 29.44
N LEU B 181 17.33 -24.02 29.93
CA LEU B 181 18.43 -24.93 30.20
C LEU B 181 18.26 -25.69 31.51
N SER B 182 17.39 -25.20 32.40
CA SER B 182 17.07 -25.94 33.61
C SER B 182 16.30 -27.20 33.30
N GLY B 183 15.23 -27.07 32.52
CA GLY B 183 14.36 -28.19 32.22
C GLY B 183 12.92 -27.78 32.45
N GLU B 184 12.73 -26.57 32.98
CA GLU B 184 11.41 -26.06 33.31
C GLU B 184 10.66 -25.56 32.09
N TYR B 185 11.34 -24.91 31.15
CA TYR B 185 10.72 -24.49 29.90
C TYR B 185 11.05 -25.49 28.80
N GLN B 186 10.08 -25.75 27.94
CA GLN B 186 10.26 -26.60 26.77
C GLN B 186 10.29 -25.72 25.52
N VAL B 187 11.30 -25.93 24.68
CA VAL B 187 11.39 -25.18 23.44
C VAL B 187 10.35 -25.70 22.47
N SER B 188 9.51 -24.80 21.97
CA SER B 188 8.53 -25.15 20.94
C SER B 188 9.17 -24.88 19.57
N ALA B 189 8.36 -24.90 18.53
CA ALA B 189 8.87 -24.63 17.18
C ALA B 189 9.22 -23.15 17.06
N SER B 190 10.39 -22.87 16.47
CA SER B 190 10.93 -21.53 16.39
C SER B 190 11.19 -21.15 14.93
N GLN B 191 11.71 -19.93 14.75
CA GLN B 191 12.02 -19.43 13.42
C GLN B 191 13.29 -18.60 13.47
N ILE B 192 13.97 -18.52 12.34
CA ILE B 192 15.06 -17.59 12.11
C ILE B 192 14.51 -16.48 11.23
N ILE B 193 14.53 -15.26 11.75
CA ILE B 193 14.00 -14.13 10.99
C ILE B 193 15.11 -13.13 10.72
N HIS B 194 14.82 -12.21 9.80
CA HIS B 194 15.76 -11.21 9.35
C HIS B 194 15.13 -9.82 9.49
N ASP B 195 15.97 -8.83 9.73
CA ASP B 195 15.57 -7.43 9.75
C ASP B 195 16.40 -6.71 8.70
N ASP B 196 15.71 -6.15 7.70
CA ASP B 196 16.40 -5.60 6.54
C ASP B 196 17.03 -4.24 6.84
N ARG B 197 16.33 -3.39 7.61
CA ARG B 197 16.86 -2.06 7.86
C ARG B 197 18.06 -2.10 8.81
N LYS B 198 18.07 -3.06 9.74
CA LYS B 198 19.19 -3.23 10.65
C LYS B 198 20.21 -4.23 10.14
N ASN B 199 19.86 -5.00 9.11
CA ASN B 199 20.65 -6.13 8.60
C ASN B 199 21.00 -7.09 9.74
N LYS B 200 19.96 -7.55 10.44
CA LYS B 200 20.15 -8.26 11.70
C LYS B 200 19.32 -9.54 11.70
N TRP B 201 19.97 -10.66 12.00
CA TRP B 201 19.29 -11.94 12.07
C TRP B 201 18.93 -12.28 13.51
N TYR B 202 17.69 -12.67 13.73
CA TYR B 202 17.17 -12.99 15.05
C TYR B 202 16.63 -14.41 15.06
N LEU B 203 16.40 -14.92 16.27
CA LEU B 203 15.97 -16.29 16.51
C LEU B 203 14.77 -16.25 17.45
N ASN B 204 13.57 -16.45 16.90
CA ASN B 204 12.33 -16.33 17.67
C ASN B 204 12.02 -17.64 18.39
N ILE B 205 12.68 -17.81 19.54
CA ILE B 205 12.51 -19.01 20.35
C ILE B 205 11.12 -18.98 21.00
N SER B 206 10.33 -20.00 20.72
CA SER B 206 9.05 -20.19 21.39
C SER B 206 9.22 -21.19 22.54
N TYR B 207 8.54 -20.91 23.65
CA TYR B 207 8.75 -21.68 24.87
C TYR B 207 7.41 -21.96 25.53
N ASP B 208 7.38 -23.01 26.34
CA ASP B 208 6.18 -23.54 26.97
C ASP B 208 6.28 -23.43 28.48
N PHE B 209 5.14 -23.20 29.12
CA PHE B 209 5.03 -23.32 30.57
C PHE B 209 3.59 -23.68 30.92
N GLU B 210 3.43 -24.55 31.91
CA GLU B 210 2.11 -24.96 32.35
C GLU B 210 1.93 -24.73 33.85
#